data_5E3P
#
_entry.id   5E3P
#
_cell.length_a   91.001
_cell.length_b   91.001
_cell.length_c   156.815
_cell.angle_alpha   90.000
_cell.angle_beta   90.000
_cell.angle_gamma   120.000
#
_symmetry.space_group_name_H-M   'P 63 2 2'
#
loop_
_entity.id
_entity.type
_entity.pdbx_description
1 polymer '2,3,4,5-tetrahydropyridine-2,6-dicarboxylate N-succinyltransferase'
2 non-polymer 'TETRAETHYLENE GLYCOL'
3 non-polymer 'SULFATE ION'
4 water water
#
_entity_poly.entity_id   1
_entity_poly.type   'polypeptide(L)'
_entity_poly.pdbx_seq_one_letter_code
;TTASATGIATLTSTGDVLDVWYPEIGSTDQSALTPLEGVDEDRNVTRKIVTTTIDIDAAPTDTYDAWLRLHLLSHRVFRP
HTINLDGIFGLLNNVVWTNFGPCAVDGFALTRARLSRRGQVTVYSVDKFPRMVDYVVPSGVRIGDADRVRLGAYLADGTT
VMHEGFVNFNAGTLGASMVEGRISAGVTVDDGTDVGGGASIMGTLSGGGQHVISLGKRCLLGANSGCGIPLGDDCIIEAG
LYITAGTKVLFDGSLHKASTLAGSNGLIFRRDSVSGQVVAVPNTKVVELNTALHSNHHHHHH
;
_entity_poly.pdbx_strand_id   A
#
# COMPACT_ATOMS: atom_id res chain seq x y z
N THR A 1 6.01 19.70 -6.15
CA THR A 1 6.74 20.16 -4.93
C THR A 1 8.05 19.48 -4.90
N THR A 2 9.08 20.20 -4.51
CA THR A 2 10.41 19.68 -4.45
C THR A 2 10.59 18.89 -3.17
N ALA A 3 11.25 17.73 -3.28
CA ALA A 3 11.51 16.92 -2.10
C ALA A 3 12.85 16.30 -2.28
N SER A 4 13.55 16.08 -1.17
CA SER A 4 14.81 15.44 -1.26
C SER A 4 15.27 14.69 -0.05
N ALA A 5 16.21 13.74 -0.28
CA ALA A 5 16.72 12.99 0.81
C ALA A 5 17.99 12.27 0.50
N THR A 6 18.67 11.86 1.57
CA THR A 6 19.91 11.14 1.49
C THR A 6 19.62 9.72 1.88
N GLY A 7 20.01 8.78 1.05
CA GLY A 7 19.87 7.38 1.40
C GLY A 7 21.05 6.55 0.95
N ILE A 8 20.91 5.25 1.16
CA ILE A 8 21.87 4.23 0.71
C ILE A 8 21.20 3.25 -0.28
N ALA A 9 21.76 3.17 -1.48
CA ALA A 9 21.34 2.28 -2.53
C ALA A 9 22.11 0.95 -2.59
N THR A 10 21.39 -0.11 -2.95
CA THR A 10 22.02 -1.39 -3.23
C THR A 10 21.98 -1.55 -4.75
N LEU A 11 23.18 -1.74 -5.34
CA LEU A 11 23.39 -1.75 -6.80
C LEU A 11 23.99 -3.07 -7.20
N THR A 12 23.56 -3.61 -8.35
CA THR A 12 24.22 -4.82 -8.91
C THR A 12 25.47 -4.37 -9.68
N SER A 13 26.29 -5.29 -10.15
CA SER A 13 27.49 -4.88 -10.95
C SER A 13 27.13 -4.21 -12.32
N THR A 14 25.93 -4.42 -12.82
CA THR A 14 25.34 -3.64 -13.92
C THR A 14 24.92 -2.24 -13.54
N GLY A 15 24.89 -1.92 -12.25
CA GLY A 15 24.29 -0.69 -11.79
C GLY A 15 22.77 -0.70 -11.73
N ASP A 16 22.12 -1.88 -11.75
CA ASP A 16 20.68 -1.92 -11.47
C ASP A 16 20.39 -1.65 -10.00
N VAL A 17 19.39 -0.83 -9.75
CA VAL A 17 19.06 -0.53 -8.36
C VAL A 17 18.05 -1.54 -7.79
N LEU A 18 18.53 -2.32 -6.84
CA LEU A 18 17.73 -3.30 -6.11
C LEU A 18 16.85 -2.60 -5.04
N ASP A 19 17.43 -1.68 -4.28
CA ASP A 19 16.71 -0.85 -3.34
C ASP A 19 17.44 0.44 -3.04
N VAL A 20 16.71 1.38 -2.44
CA VAL A 20 17.29 2.55 -1.76
C VAL A 20 16.57 2.70 -0.43
N TRP A 21 17.34 2.81 0.65
CA TRP A 21 16.81 3.13 1.93
C TRP A 21 17.08 4.60 2.22
N TYR A 22 16.03 5.36 2.48
CA TYR A 22 16.13 6.72 3.03
C TYR A 22 15.59 6.71 4.46
N PRO A 23 16.45 6.53 5.46
CA PRO A 23 16.04 6.53 6.87
C PRO A 23 15.28 7.75 7.30
N GLU A 24 15.61 8.91 6.77
CA GLU A 24 14.79 10.08 7.06
C GLU A 24 14.71 10.91 5.76
N ILE A 25 13.75 11.82 5.72
CA ILE A 25 13.52 12.72 4.56
C ILE A 25 14.11 14.13 4.81
N GLY A 26 14.65 14.79 3.78
CA GLY A 26 15.09 16.21 3.87
C GLY A 26 16.38 16.47 4.62
N SER A 27 17.17 15.41 4.80
CA SER A 27 18.32 15.43 5.66
C SER A 27 19.59 15.23 4.85
N THR A 28 20.66 15.72 5.46
CA THR A 28 21.96 15.84 4.83
C THR A 28 22.97 14.86 5.43
N ASP A 29 22.79 14.53 6.71
CA ASP A 29 23.61 13.58 7.47
C ASP A 29 24.01 12.26 6.73
N GLN A 30 25.09 12.31 5.95
CA GLN A 30 25.62 11.13 5.25
C GLN A 30 26.27 10.11 6.18
N SER A 31 27.02 10.54 7.19
CA SER A 31 27.85 9.59 7.96
C SER A 31 27.10 8.76 9.03
N ALA A 32 25.79 8.94 9.20
CA ALA A 32 25.01 7.84 9.85
C ALA A 32 25.07 6.54 8.97
N LEU A 33 25.21 6.72 7.66
CA LEU A 33 25.11 5.65 6.65
C LEU A 33 26.45 5.12 6.09
N THR A 34 27.55 5.86 6.28
CA THR A 34 28.88 5.46 5.78
C THR A 34 29.31 4.06 6.27
N PRO A 35 29.03 3.71 7.52
CA PRO A 35 29.53 2.37 7.89
C PRO A 35 28.77 1.20 7.25
N LEU A 36 27.71 1.50 6.48
CA LEU A 36 26.94 0.51 5.71
C LEU A 36 27.40 0.38 4.30
N GLU A 37 28.12 1.38 3.78
CA GLU A 37 28.67 1.34 2.40
C GLU A 37 29.67 0.18 2.23
N GLY A 38 29.82 -0.38 1.03
CA GLY A 38 30.68 -1.57 0.91
C GLY A 38 30.34 -2.49 -0.24
N VAL A 39 31.02 -3.63 -0.27
CA VAL A 39 30.70 -4.66 -1.26
C VAL A 39 30.28 -5.90 -0.54
N ASP A 40 29.29 -6.60 -1.13
CA ASP A 40 28.89 -7.90 -0.62
C ASP A 40 29.17 -8.78 -1.81
N GLU A 41 30.24 -9.58 -1.71
CA GLU A 41 30.65 -10.49 -2.78
C GLU A 41 29.75 -11.71 -2.94
N ASP A 42 29.14 -12.21 -1.87
CA ASP A 42 28.14 -13.28 -2.02
C ASP A 42 26.93 -12.90 -2.87
N ARG A 43 26.44 -11.68 -2.66
CA ARG A 43 25.30 -11.15 -3.43
C ARG A 43 25.71 -10.44 -4.68
N ASN A 44 27.00 -10.15 -4.83
CA ASN A 44 27.50 -9.33 -5.95
C ASN A 44 26.85 -7.96 -6.12
N VAL A 45 26.74 -7.22 -5.02
CA VAL A 45 26.14 -5.90 -5.06
C VAL A 45 27.07 -5.00 -4.32
N THR A 46 26.96 -3.72 -4.55
CA THR A 46 27.59 -2.76 -3.65
C THR A 46 26.53 -1.85 -3.02
N ARG A 47 26.74 -1.42 -1.79
CA ARG A 47 25.93 -0.36 -1.18
C ARG A 47 26.63 1.02 -1.14
N LYS A 48 25.92 2.04 -1.66
CA LYS A 48 26.45 3.38 -2.01
C LYS A 48 25.45 4.48 -1.61
N ILE A 49 25.95 5.48 -0.84
CA ILE A 49 25.15 6.63 -0.44
C ILE A 49 24.78 7.44 -1.66
N VAL A 50 23.53 7.91 -1.71
CA VAL A 50 23.01 8.75 -2.78
C VAL A 50 22.22 9.89 -2.15
N THR A 51 22.04 10.98 -2.90
CA THR A 51 21.13 12.06 -2.51
C THR A 51 20.22 12.21 -3.66
N THR A 52 18.93 12.29 -3.38
CA THR A 52 17.94 12.27 -4.46
C THR A 52 17.03 13.44 -4.26
N THR A 53 16.71 14.15 -5.35
CA THR A 53 15.84 15.31 -5.32
C THR A 53 14.82 15.17 -6.41
N ILE A 54 13.55 15.37 -6.11
CA ILE A 54 12.50 15.18 -7.10
C ILE A 54 11.46 16.28 -7.12
N ASP A 55 10.61 16.28 -8.13
CA ASP A 55 9.40 17.11 -8.11
C ASP A 55 8.24 16.10 -8.02
N ILE A 56 7.41 16.24 -6.98
CA ILE A 56 6.30 15.31 -6.76
C ILE A 56 5.23 15.32 -7.83
N ASP A 57 5.15 16.40 -8.59
CA ASP A 57 4.17 16.50 -9.66
C ASP A 57 4.69 15.95 -10.98
N ALA A 58 5.97 15.81 -11.16
CA ALA A 58 6.54 15.19 -12.37
C ALA A 58 6.44 13.65 -12.21
N ALA A 59 6.31 12.91 -13.30
CA ALA A 59 6.44 11.44 -13.27
C ALA A 59 7.84 11.10 -12.84
N PRO A 60 8.02 9.99 -12.09
CA PRO A 60 9.39 9.59 -11.73
C PRO A 60 10.24 9.22 -12.98
N THR A 61 11.54 9.39 -12.91
CA THR A 61 12.39 9.29 -14.10
C THR A 61 13.47 8.25 -14.01
N ASP A 62 13.74 7.74 -12.82
CA ASP A 62 14.65 6.66 -12.66
C ASP A 62 14.27 5.92 -11.37
N THR A 63 14.99 4.85 -11.07
CA THR A 63 14.71 3.96 -9.93
C THR A 63 14.85 4.66 -8.58
N TYR A 64 15.78 5.63 -8.45
CA TYR A 64 16.05 6.26 -7.17
C TYR A 64 14.86 7.09 -6.74
N ASP A 65 14.30 7.75 -7.73
CA ASP A 65 13.21 8.70 -7.66
C ASP A 65 11.92 7.89 -7.27
N ALA A 66 11.72 6.71 -7.89
CA ALA A 66 10.62 5.82 -7.54
C ALA A 66 10.64 5.49 -6.05
N TRP A 67 11.82 5.08 -5.54
CA TRP A 67 11.99 4.61 -4.19
C TRP A 67 11.72 5.76 -3.18
N LEU A 68 12.12 6.99 -3.57
CA LEU A 68 11.95 8.11 -2.70
C LEU A 68 10.47 8.41 -2.65
N ARG A 69 9.77 8.36 -3.76
CA ARG A 69 8.35 8.50 -3.75
C ARG A 69 7.64 7.54 -2.74
N LEU A 70 8.03 6.28 -2.73
CA LEU A 70 7.38 5.31 -1.86
C LEU A 70 7.69 5.64 -0.39
N HIS A 71 8.90 6.09 -0.09
CA HIS A 71 9.30 6.52 1.28
C HIS A 71 8.55 7.74 1.75
N LEU A 72 8.29 8.68 0.85
CA LEU A 72 7.53 9.86 1.19
C LEU A 72 6.10 9.58 1.62
N LEU A 73 5.50 8.61 0.95
CA LEU A 73 4.20 8.08 1.36
C LEU A 73 4.22 7.40 2.69
N SER A 74 5.16 6.45 2.88
CA SER A 74 5.12 5.64 4.08
C SER A 74 5.64 6.42 5.32
N HIS A 75 6.55 7.38 5.11
CA HIS A 75 6.85 8.40 6.15
C HIS A 75 5.73 9.39 6.42
N ARG A 76 4.68 9.38 5.63
CA ARG A 76 3.57 10.26 5.74
C ARG A 76 3.89 11.74 5.50
N VAL A 77 4.85 12.01 4.63
CA VAL A 77 5.17 13.39 4.27
C VAL A 77 4.12 13.90 3.34
N PHE A 78 3.67 13.03 2.43
CA PHE A 78 2.62 13.32 1.48
C PHE A 78 1.56 12.20 1.55
N ARG A 79 0.34 12.57 1.31
CA ARG A 79 -0.81 11.65 1.26
C ARG A 79 -0.94 10.97 -0.11
N PRO A 80 -1.65 9.80 -0.18
CA PRO A 80 -1.97 9.21 -1.46
C PRO A 80 -2.62 10.21 -2.40
N HIS A 81 -2.20 10.17 -3.66
CA HIS A 81 -2.75 11.07 -4.74
C HIS A 81 -2.15 12.48 -4.76
N THR A 82 -1.15 12.76 -3.92
CA THR A 82 -0.46 14.02 -3.97
C THR A 82 0.93 13.86 -4.57
N ILE A 83 1.33 12.62 -4.92
CA ILE A 83 2.58 12.32 -5.60
C ILE A 83 2.30 11.55 -6.87
N ASN A 84 2.93 11.99 -7.97
CA ASN A 84 2.75 11.37 -9.29
C ASN A 84 3.55 10.09 -9.27
N LEU A 85 2.91 8.96 -9.53
CA LEU A 85 3.60 7.65 -9.57
C LEU A 85 3.59 7.00 -10.97
N ASP A 86 3.19 7.74 -11.99
CA ASP A 86 3.00 7.20 -13.36
C ASP A 86 4.30 6.59 -13.80
N GLY A 87 4.25 5.34 -14.26
CA GLY A 87 5.39 4.64 -14.81
C GLY A 87 6.18 3.92 -13.78
N ILE A 88 5.75 3.91 -12.51
CA ILE A 88 6.60 3.37 -11.45
C ILE A 88 6.92 1.88 -11.61
N PHE A 89 5.99 1.13 -12.20
CA PHE A 89 6.20 -0.29 -12.44
C PHE A 89 7.37 -0.56 -13.35
N GLY A 90 7.59 0.29 -14.33
CA GLY A 90 8.77 0.18 -15.18
C GLY A 90 10.06 0.65 -14.61
N LEU A 91 10.05 1.29 -13.45
CA LEU A 91 11.26 1.76 -12.80
C LEU A 91 11.78 0.88 -11.68
N LEU A 92 10.92 0.04 -11.11
CA LEU A 92 11.29 -0.84 -10.00
C LEU A 92 11.74 -2.19 -10.49
N ASN A 93 12.81 -2.72 -9.95
CA ASN A 93 13.23 -4.09 -10.33
C ASN A 93 12.51 -5.14 -9.51
N ASN A 94 12.22 -6.26 -10.12
CA ASN A 94 11.89 -7.46 -9.39
C ASN A 94 13.06 -7.92 -8.55
N VAL A 95 12.86 -8.08 -7.25
CA VAL A 95 13.92 -8.49 -6.32
C VAL A 95 13.58 -9.66 -5.47
N VAL A 96 14.57 -10.46 -5.08
CA VAL A 96 14.43 -11.51 -4.11
C VAL A 96 14.77 -10.95 -2.72
N TRP A 97 13.74 -10.79 -1.86
CA TRP A 97 13.87 -10.16 -0.53
C TRP A 97 14.23 -11.26 0.44
N THR A 98 15.48 -11.32 0.91
CA THR A 98 15.95 -12.42 1.75
C THR A 98 16.35 -11.94 3.16
N ASN A 99 16.60 -12.85 4.08
CA ASN A 99 17.19 -12.50 5.38
C ASN A 99 18.55 -11.83 5.32
N PHE A 100 19.24 -11.88 4.15
CA PHE A 100 20.53 -11.24 3.96
C PHE A 100 20.34 -9.96 3.20
N GLY A 101 19.11 -9.56 2.91
CA GLY A 101 18.86 -8.34 2.16
C GLY A 101 18.40 -8.64 0.74
N PRO A 102 18.23 -7.58 -0.06
CA PRO A 102 17.83 -7.74 -1.45
C PRO A 102 18.88 -8.47 -2.29
N CYS A 103 18.42 -9.40 -3.12
CA CYS A 103 19.28 -10.09 -4.09
C CYS A 103 18.65 -10.02 -5.46
N ALA A 104 19.50 -10.00 -6.48
CA ALA A 104 19.02 -10.02 -7.87
C ALA A 104 18.33 -11.36 -8.20
N VAL A 105 17.28 -11.29 -8.99
CA VAL A 105 16.58 -12.46 -9.48
C VAL A 105 17.53 -13.22 -10.46
N ASP A 106 18.26 -12.51 -11.30
CA ASP A 106 19.23 -13.16 -12.21
C ASP A 106 20.38 -13.81 -11.48
N GLY A 107 20.46 -15.14 -11.56
CA GLY A 107 21.53 -15.85 -10.91
C GLY A 107 21.32 -16.02 -9.42
N PHE A 108 20.07 -16.01 -8.98
CA PHE A 108 19.81 -16.24 -7.56
C PHE A 108 20.29 -17.57 -7.05
N ALA A 109 20.23 -18.62 -7.88
CA ALA A 109 20.71 -19.94 -7.43
C ALA A 109 22.20 -19.87 -6.98
N LEU A 110 23.01 -19.11 -7.71
CA LEU A 110 24.41 -18.95 -7.33
C LEU A 110 24.50 -18.12 -6.05
N THR A 111 23.73 -17.03 -5.99
CA THR A 111 23.67 -16.23 -4.75
C THR A 111 23.27 -17.04 -3.56
N ARG A 112 22.21 -17.82 -3.68
CA ARG A 112 21.77 -18.67 -2.57
C ARG A 112 22.90 -19.61 -2.09
N ALA A 113 23.60 -20.19 -3.06
CA ALA A 113 24.69 -21.13 -2.75
C ALA A 113 25.78 -20.38 -2.02
N ARG A 114 26.19 -19.20 -2.51
CA ARG A 114 27.26 -18.45 -1.81
C ARG A 114 26.81 -18.02 -0.40
N LEU A 115 25.61 -17.45 -0.25
CA LEU A 115 25.12 -17.02 1.07
C LEU A 115 24.99 -18.12 2.07
N SER A 116 24.67 -19.32 1.62
CA SER A 116 24.51 -20.47 2.49
C SER A 116 25.75 -20.87 3.27
N ARG A 117 26.91 -20.36 2.88
CA ARG A 117 28.09 -20.57 3.68
C ARG A 117 28.06 -19.70 4.96
N ARG A 118 27.33 -18.58 4.95
CA ARG A 118 27.13 -17.82 6.16
C ARG A 118 25.97 -18.28 7.04
N GLY A 119 24.94 -18.92 6.49
CA GLY A 119 23.75 -19.24 7.30
C GLY A 119 22.59 -19.69 6.43
N GLN A 120 21.53 -20.14 7.07
CA GLN A 120 20.32 -20.45 6.38
C GLN A 120 19.84 -19.20 5.62
N VAL A 121 19.55 -19.40 4.35
CA VAL A 121 18.92 -18.37 3.54
C VAL A 121 17.37 -18.55 3.57
N THR A 122 16.67 -17.48 3.90
CA THR A 122 15.20 -17.44 3.85
C THR A 122 14.76 -16.34 2.87
N VAL A 123 13.85 -16.70 2.00
CA VAL A 123 13.25 -15.75 1.05
C VAL A 123 11.89 -15.32 1.62
N TYR A 124 11.73 -14.02 1.84
CA TYR A 124 10.46 -13.49 2.38
C TYR A 124 9.41 -13.23 1.36
N SER A 125 9.86 -12.79 0.20
CA SER A 125 9.04 -12.23 -0.83
C SER A 125 9.89 -12.16 -2.11
N VAL A 126 9.26 -12.18 -3.28
CA VAL A 126 9.91 -11.91 -4.55
C VAL A 126 9.05 -10.88 -5.24
N ASP A 127 9.46 -9.62 -5.29
CA ASP A 127 8.50 -8.62 -5.84
C ASP A 127 9.25 -7.33 -6.14
N LYS A 128 8.57 -6.41 -6.82
CA LYS A 128 9.08 -5.07 -7.06
C LYS A 128 8.99 -4.11 -5.85
N PHE A 129 8.06 -4.40 -4.95
CA PHE A 129 7.84 -3.61 -3.72
C PHE A 129 8.21 -4.44 -2.54
N PRO A 130 9.04 -3.89 -1.66
CA PRO A 130 9.40 -4.60 -0.47
C PRO A 130 8.32 -4.42 0.61
N ARG A 131 8.52 -5.11 1.70
CA ARG A 131 7.73 -4.97 2.94
C ARG A 131 8.05 -3.61 3.58
N MET A 132 7.03 -2.76 3.72
CA MET A 132 7.16 -1.42 4.26
C MET A 132 8.08 -1.33 5.50
N VAL A 133 7.80 -2.19 6.48
CA VAL A 133 8.44 -2.10 7.79
C VAL A 133 9.93 -2.26 7.80
N ASP A 134 10.46 -2.90 6.75
CA ASP A 134 11.93 -3.07 6.64
C ASP A 134 12.66 -1.78 6.22
N TYR A 135 11.91 -0.78 5.79
CA TYR A 135 12.38 0.56 5.41
C TYR A 135 11.85 1.63 6.36
N VAL A 136 10.57 1.58 6.74
CA VAL A 136 9.94 2.62 7.55
C VAL A 136 8.96 1.91 8.52
N VAL A 137 9.06 2.17 9.81
CA VAL A 137 7.99 1.81 10.78
C VAL A 137 7.34 3.10 11.20
N PRO A 138 6.13 3.42 10.69
CA PRO A 138 5.58 4.72 11.03
C PRO A 138 5.04 4.66 12.44
N SER A 139 5.04 5.83 13.09
CA SER A 139 4.69 5.87 14.50
C SER A 139 3.20 5.66 14.68
N GLY A 140 2.86 5.04 15.81
CA GLY A 140 1.49 4.95 16.25
C GLY A 140 0.69 3.85 15.51
N VAL A 141 1.36 2.87 14.90
CA VAL A 141 0.64 1.84 14.12
C VAL A 141 0.91 0.44 14.65
N ARG A 142 -0.05 -0.46 14.49
CA ARG A 142 0.21 -1.86 14.67
C ARG A 142 -0.06 -2.58 13.35
N ILE A 143 0.78 -3.56 13.09
CA ILE A 143 0.74 -4.42 11.94
C ILE A 143 0.97 -5.87 12.38
N GLY A 144 -0.05 -6.70 12.25
CA GLY A 144 0.05 -8.03 12.78
C GLY A 144 0.90 -8.95 11.90
N ASP A 145 0.79 -8.90 10.59
CA ASP A 145 1.69 -9.65 9.70
C ASP A 145 2.26 -8.61 8.69
N ALA A 146 3.49 -8.23 8.88
CA ALA A 146 4.01 -7.07 8.17
C ALA A 146 4.47 -7.45 6.75
N ASP A 147 4.32 -8.75 6.35
CA ASP A 147 4.32 -9.12 4.91
C ASP A 147 3.26 -8.35 4.10
N ARG A 148 2.20 -7.93 4.77
CA ARG A 148 0.98 -7.44 4.12
C ARG A 148 0.83 -5.92 3.95
N VAL A 149 1.91 -5.19 4.20
CA VAL A 149 1.93 -3.77 3.98
C VAL A 149 3.16 -3.45 3.08
N ARG A 150 2.88 -3.06 1.86
CA ARG A 150 3.89 -2.62 0.89
C ARG A 150 4.43 -1.24 1.20
N LEU A 151 5.74 -1.09 1.01
CA LEU A 151 6.34 0.27 1.00
C LEU A 151 5.57 1.11 0.01
N GLY A 152 5.20 2.32 0.42
CA GLY A 152 4.31 3.21 -0.32
C GLY A 152 2.93 3.29 0.32
N ALA A 153 2.63 2.40 1.29
CA ALA A 153 1.39 2.44 2.07
C ALA A 153 1.50 3.61 3.06
N TYR A 154 0.39 4.30 3.26
CA TYR A 154 0.24 5.44 4.18
C TYR A 154 -0.69 4.99 5.32
N LEU A 155 -0.13 4.80 6.49
CA LEU A 155 -0.92 4.34 7.69
C LEU A 155 -0.93 5.47 8.75
N ALA A 156 -2.06 6.14 8.88
CA ALA A 156 -2.22 7.20 9.88
C ALA A 156 -2.00 6.71 11.26
N ASP A 157 -1.43 7.58 12.11
CA ASP A 157 -1.35 7.37 13.55
C ASP A 157 -2.69 6.81 14.10
N GLY A 158 -2.61 5.76 14.88
CA GLY A 158 -3.83 5.18 15.46
C GLY A 158 -4.36 4.01 14.64
N THR A 159 -3.67 3.58 13.57
CA THR A 159 -4.19 2.54 12.66
C THR A 159 -3.68 1.20 13.17
N THR A 160 -4.55 0.21 13.16
CA THR A 160 -4.13 -1.20 13.29
C THR A 160 -4.42 -1.96 11.99
N VAL A 161 -3.40 -2.60 11.42
CA VAL A 161 -3.61 -3.51 10.31
C VAL A 161 -3.52 -4.93 10.87
N MET A 162 -4.63 -5.62 10.91
CA MET A 162 -4.68 -6.98 11.44
C MET A 162 -4.04 -7.90 10.43
N HIS A 163 -3.88 -9.16 10.83
CA HIS A 163 -3.03 -10.12 10.14
C HIS A 163 -3.60 -10.43 8.79
N GLU A 164 -4.89 -10.37 8.65
CA GLU A 164 -5.50 -10.61 7.34
C GLU A 164 -5.81 -9.30 6.56
N GLY A 165 -5.43 -8.16 7.13
CA GLY A 165 -5.50 -6.91 6.39
C GLY A 165 -4.39 -6.89 5.36
N PHE A 166 -4.54 -6.01 4.39
CA PHE A 166 -3.49 -5.76 3.39
C PHE A 166 -3.54 -4.33 2.94
N VAL A 167 -2.41 -3.66 2.76
CA VAL A 167 -2.46 -2.25 2.28
C VAL A 167 -1.44 -2.16 1.18
N ASN A 168 -1.89 -1.82 -0.03
CA ASN A 168 -0.98 -1.68 -1.16
C ASN A 168 -0.25 -0.32 -1.12
N PHE A 169 0.59 -0.05 -2.12
CA PHE A 169 1.25 1.25 -2.25
C PHE A 169 0.20 2.29 -2.65
N ASN A 170 0.50 3.52 -2.33
CA ASN A 170 -0.37 4.65 -2.64
C ASN A 170 -1.78 4.50 -2.08
N ALA A 171 -1.87 3.97 -0.87
CA ALA A 171 -3.15 3.59 -0.29
C ALA A 171 -3.03 3.59 1.21
N GLY A 172 -4.18 3.56 1.88
CA GLY A 172 -4.16 3.40 3.32
C GLY A 172 -5.17 4.21 4.06
N THR A 173 -4.77 4.71 5.20
CA THR A 173 -5.72 5.26 6.15
C THR A 173 -5.37 6.72 6.40
N LEU A 174 -6.40 7.55 6.49
CA LEU A 174 -6.21 9.02 6.71
C LEU A 174 -6.48 9.43 8.14
N GLY A 175 -6.98 8.53 8.96
CA GLY A 175 -7.07 8.67 10.36
C GLY A 175 -7.02 7.35 11.02
N ALA A 176 -7.20 7.36 12.32
CA ALA A 176 -7.18 6.13 13.09
C ALA A 176 -8.31 5.18 12.63
N SER A 177 -7.94 3.97 12.20
CA SER A 177 -8.78 3.00 11.51
C SER A 177 -8.34 1.57 11.87
N MET A 178 -9.27 0.66 11.84
CA MET A 178 -9.01 -0.77 12.04
C MET A 178 -9.08 -1.40 10.64
N VAL A 179 -7.96 -1.95 10.15
CA VAL A 179 -7.90 -2.51 8.83
C VAL A 179 -7.70 -4.02 8.98
N GLU A 180 -8.77 -4.74 8.77
CA GLU A 180 -8.75 -6.20 8.79
C GLU A 180 -8.96 -6.78 7.42
N GLY A 181 -9.24 -5.93 6.41
CA GLY A 181 -9.39 -6.37 5.06
C GLY A 181 -8.40 -5.68 4.13
N ARG A 182 -8.72 -5.66 2.84
CA ARG A 182 -7.74 -5.43 1.80
C ARG A 182 -7.97 -4.12 1.08
N ILE A 183 -6.98 -3.23 1.15
CA ILE A 183 -7.08 -1.84 0.57
C ILE A 183 -6.17 -1.84 -0.68
N SER A 184 -6.80 -1.78 -1.86
CA SER A 184 -6.09 -1.77 -3.11
C SER A 184 -5.35 -0.47 -3.36
N ALA A 185 -4.49 -0.47 -4.34
CA ALA A 185 -3.66 0.72 -4.65
C ALA A 185 -4.59 1.89 -5.01
N GLY A 186 -4.33 3.03 -4.44
CA GLY A 186 -5.06 4.23 -4.78
C GLY A 186 -6.22 4.40 -3.80
N VAL A 187 -6.54 3.42 -2.96
CA VAL A 187 -7.72 3.56 -2.11
C VAL A 187 -7.30 4.09 -0.72
N THR A 188 -8.13 4.97 -0.16
CA THR A 188 -7.96 5.44 1.22
C THR A 188 -9.26 5.36 1.98
N VAL A 189 -9.13 5.14 3.28
CA VAL A 189 -10.25 5.22 4.18
C VAL A 189 -9.91 6.28 5.25
N ASP A 190 -10.96 6.88 5.80
CA ASP A 190 -10.81 7.99 6.74
C ASP A 190 -11.16 7.54 8.17
N ASP A 191 -10.91 8.48 9.05
CA ASP A 191 -11.12 8.30 10.51
C ASP A 191 -12.21 7.43 11.09
N GLY A 192 -11.85 6.51 11.96
CA GLY A 192 -12.82 5.64 12.61
C GLY A 192 -13.47 4.57 11.73
N THR A 193 -12.96 4.39 10.52
CA THR A 193 -13.41 3.27 9.66
C THR A 193 -12.89 1.92 10.18
N ASP A 194 -13.77 0.91 10.11
CA ASP A 194 -13.43 -0.47 10.38
C ASP A 194 -13.65 -1.26 9.06
N VAL A 195 -12.55 -1.72 8.44
CA VAL A 195 -12.61 -2.63 7.26
C VAL A 195 -12.58 -4.02 7.85
N GLY A 196 -13.70 -4.72 7.82
CA GLY A 196 -13.77 -5.98 8.52
C GLY A 196 -12.93 -7.09 7.91
N GLY A 197 -12.79 -8.13 8.70
CA GLY A 197 -11.97 -9.25 8.33
C GLY A 197 -12.32 -9.81 6.95
N GLY A 198 -11.34 -9.91 6.08
CA GLY A 198 -11.51 -10.43 4.72
C GLY A 198 -12.32 -9.56 3.75
N ALA A 199 -12.69 -8.36 4.14
CA ALA A 199 -13.38 -7.42 3.25
C ALA A 199 -12.45 -6.92 2.19
N SER A 200 -13.02 -6.54 1.07
CA SER A 200 -12.24 -6.13 -0.12
C SER A 200 -12.67 -4.73 -0.49
N ILE A 201 -11.77 -3.80 -0.61
CA ILE A 201 -12.13 -2.43 -1.13
C ILE A 201 -11.48 -2.27 -2.46
N MET A 202 -12.29 -2.13 -3.49
CA MET A 202 -11.86 -1.96 -4.86
C MET A 202 -11.11 -3.17 -5.41
N GLY A 203 -11.57 -4.37 -5.08
CA GLY A 203 -10.94 -5.57 -5.58
C GLY A 203 -11.27 -5.81 -7.05
N THR A 204 -10.66 -6.86 -7.57
CA THR A 204 -10.93 -7.38 -8.92
C THR A 204 -12.43 -7.54 -9.23
N LEU A 205 -12.84 -6.90 -10.33
CA LEU A 205 -14.23 -6.82 -10.84
C LEU A 205 -15.23 -6.08 -9.94
N SER A 206 -14.77 -5.22 -9.03
CA SER A 206 -15.71 -4.50 -8.18
C SER A 206 -16.22 -3.23 -8.88
N GLY A 207 -15.57 -2.80 -9.95
CA GLY A 207 -15.94 -1.48 -10.56
C GLY A 207 -15.63 -1.35 -12.03
N GLY A 208 -16.20 -0.33 -12.65
CA GLY A 208 -15.86 0.03 -14.04
C GLY A 208 -15.91 1.52 -14.30
N GLY A 209 -15.49 2.31 -13.32
CA GLY A 209 -15.18 3.71 -13.54
C GLY A 209 -13.75 3.79 -14.05
N GLN A 210 -13.39 4.93 -14.63
CA GLN A 210 -12.01 5.19 -15.05
C GLN A 210 -11.11 5.66 -13.87
N HIS A 211 -11.52 5.33 -12.63
CA HIS A 211 -11.16 6.14 -11.46
C HIS A 211 -11.30 5.36 -10.14
N VAL A 212 -10.42 5.68 -9.19
CA VAL A 212 -10.21 4.93 -7.95
C VAL A 212 -11.18 5.40 -6.85
N ILE A 213 -11.39 4.59 -5.80
CA ILE A 213 -12.35 4.93 -4.77
C ILE A 213 -11.78 5.20 -3.39
N SER A 214 -12.64 5.73 -2.51
CA SER A 214 -12.37 5.99 -1.11
C SER A 214 -13.60 5.93 -0.30
N LEU A 215 -13.38 5.68 0.97
CA LEU A 215 -14.35 5.68 2.00
C LEU A 215 -14.06 6.85 2.92
N GLY A 216 -15.14 7.38 3.48
CA GLY A 216 -15.12 8.45 4.47
C GLY A 216 -14.88 8.00 5.88
N LYS A 217 -15.39 8.80 6.83
CA LYS A 217 -15.23 8.54 8.25
C LYS A 217 -16.23 7.58 8.75
N ARG A 218 -15.82 6.77 9.72
CA ARG A 218 -16.72 5.93 10.51
C ARG A 218 -17.52 4.95 9.62
N CYS A 219 -16.95 4.51 8.53
CA CYS A 219 -17.60 3.48 7.68
C CYS A 219 -17.32 2.13 8.32
N LEU A 220 -18.28 1.23 8.30
CA LEU A 220 -18.10 -0.12 8.86
C LEU A 220 -18.38 -1.12 7.71
N LEU A 221 -17.36 -1.85 7.28
CA LEU A 221 -17.55 -2.93 6.33
C LEU A 221 -17.49 -4.23 7.11
N GLY A 222 -18.57 -5.01 7.03
CA GLY A 222 -18.61 -6.31 7.67
C GLY A 222 -17.53 -7.28 7.15
N ALA A 223 -17.23 -8.27 8.00
CA ALA A 223 -16.35 -9.33 7.60
C ALA A 223 -16.84 -9.96 6.29
N ASN A 224 -15.91 -10.23 5.37
CA ASN A 224 -16.13 -10.83 4.10
C ASN A 224 -17.07 -10.02 3.20
N SER A 225 -17.16 -8.73 3.42
CA SER A 225 -17.92 -7.82 2.56
C SER A 225 -17.00 -7.27 1.42
N GLY A 226 -17.57 -6.41 0.59
CA GLY A 226 -16.75 -5.75 -0.45
C GLY A 226 -17.39 -4.47 -0.90
N CYS A 227 -16.58 -3.55 -1.37
CA CYS A 227 -17.08 -2.28 -1.79
C CYS A 227 -16.31 -1.84 -3.04
N GLY A 228 -17.05 -1.62 -4.12
CA GLY A 228 -16.49 -1.08 -5.38
C GLY A 228 -16.94 0.34 -5.76
N ILE A 229 -17.53 1.05 -4.81
CA ILE A 229 -17.94 2.43 -5.01
C ILE A 229 -17.37 3.35 -3.92
N PRO A 230 -17.11 4.65 -4.28
CA PRO A 230 -16.76 5.58 -3.24
C PRO A 230 -17.94 5.72 -2.30
N LEU A 231 -17.66 5.82 -1.00
CA LEU A 231 -18.67 6.03 0.02
C LEU A 231 -18.27 7.29 0.81
N GLY A 232 -19.25 8.00 1.37
CA GLY A 232 -19.00 9.12 2.26
C GLY A 232 -18.80 8.68 3.68
N ASP A 233 -19.30 9.43 4.61
CA ASP A 233 -19.20 9.07 6.00
C ASP A 233 -20.37 8.23 6.48
N ASP A 234 -20.11 7.48 7.56
CA ASP A 234 -21.15 6.77 8.37
C ASP A 234 -21.92 5.74 7.50
N CYS A 235 -21.24 5.11 6.54
CA CYS A 235 -21.93 4.07 5.76
C CYS A 235 -21.60 2.68 6.36
N ILE A 236 -22.48 1.70 6.13
CA ILE A 236 -22.30 0.36 6.65
C ILE A 236 -22.57 -0.56 5.48
N ILE A 237 -21.71 -1.58 5.30
CA ILE A 237 -21.96 -2.72 4.40
C ILE A 237 -22.00 -3.98 5.22
N GLU A 238 -23.13 -4.68 5.12
CA GLU A 238 -23.37 -5.92 5.87
C GLU A 238 -22.27 -6.96 5.69
N ALA A 239 -21.99 -7.69 6.75
CA ALA A 239 -21.07 -8.82 6.60
C ALA A 239 -21.52 -9.74 5.47
N GLY A 240 -20.55 -10.18 4.68
CA GLY A 240 -20.85 -11.14 3.63
C GLY A 240 -21.43 -10.55 2.37
N LEU A 241 -21.51 -9.23 2.23
CA LEU A 241 -22.18 -8.67 1.05
C LEU A 241 -21.14 -7.84 0.26
N TYR A 242 -21.03 -8.08 -1.03
CA TYR A 242 -20.18 -7.30 -1.94
C TYR A 242 -21.01 -6.31 -2.76
N ILE A 243 -20.76 -5.03 -2.54
CA ILE A 243 -21.41 -3.99 -3.33
C ILE A 243 -20.46 -3.57 -4.45
N THR A 244 -20.72 -4.06 -5.65
CA THR A 244 -19.97 -3.66 -6.85
C THR A 244 -20.65 -2.43 -7.48
N ALA A 245 -19.91 -1.71 -8.35
CA ALA A 245 -20.41 -0.53 -9.04
C ALA A 245 -21.66 -0.86 -9.81
N GLY A 246 -21.77 -2.12 -10.28
CA GLY A 246 -22.91 -2.59 -11.08
C GLY A 246 -23.97 -3.36 -10.33
N THR A 247 -23.83 -3.55 -9.03
CA THR A 247 -24.85 -4.18 -8.23
C THR A 247 -26.12 -3.31 -8.26
N LYS A 248 -27.28 -3.89 -8.53
CA LYS A 248 -28.57 -3.22 -8.41
C LYS A 248 -29.06 -3.22 -7.00
N VAL A 249 -29.24 -2.03 -6.47
CA VAL A 249 -29.73 -1.87 -5.13
C VAL A 249 -31.10 -1.18 -5.07
N LEU A 250 -31.93 -1.64 -4.15
CA LEU A 250 -33.26 -1.07 -3.96
C LEU A 250 -33.19 0.11 -3.02
N PHE A 251 -33.51 1.30 -3.52
CA PHE A 251 -33.42 2.59 -2.80
C PHE A 251 -34.68 3.31 -3.29
N ASP A 252 -35.51 3.81 -2.39
CA ASP A 252 -36.77 4.49 -2.73
C ASP A 252 -37.69 3.79 -3.70
N GLY A 253 -37.94 2.51 -3.52
CA GLY A 253 -38.91 1.81 -4.37
C GLY A 253 -38.49 1.34 -5.73
N SER A 254 -37.26 1.63 -6.21
CA SER A 254 -36.81 1.11 -7.51
C SER A 254 -35.36 0.63 -7.44
N LEU A 255 -34.98 -0.14 -8.45
CA LEU A 255 -33.58 -0.62 -8.57
C LEU A 255 -32.69 0.43 -9.25
N HIS A 256 -31.52 0.70 -8.67
CA HIS A 256 -30.52 1.64 -9.16
C HIS A 256 -29.16 0.92 -9.09
N LYS A 257 -28.32 1.13 -10.10
CA LYS A 257 -26.87 0.77 -10.04
C LYS A 257 -26.26 1.43 -8.82
N ALA A 258 -25.46 0.68 -8.07
CA ALA A 258 -24.81 1.21 -6.89
C ALA A 258 -23.92 2.45 -7.17
N SER A 259 -23.32 2.50 -8.35
CA SER A 259 -22.52 3.66 -8.78
C SER A 259 -23.29 4.98 -8.69
N THR A 260 -24.62 4.93 -8.87
CA THR A 260 -25.46 6.15 -8.71
C THR A 260 -25.50 6.64 -7.26
N LEU A 261 -25.13 5.78 -6.30
CA LEU A 261 -25.10 6.18 -4.89
C LEU A 261 -23.71 6.57 -4.41
N ALA A 262 -22.74 6.58 -5.31
CA ALA A 262 -21.36 6.98 -5.01
C ALA A 262 -21.24 8.24 -4.22
N GLY A 263 -20.49 8.19 -3.14
CA GLY A 263 -20.25 9.34 -2.30
C GLY A 263 -21.32 9.60 -1.29
N SER A 264 -22.36 8.76 -1.17
CA SER A 264 -23.40 8.99 -0.15
C SER A 264 -22.92 8.90 1.26
N ASN A 265 -23.59 9.65 2.15
CA ASN A 265 -23.37 9.58 3.55
C ASN A 265 -24.52 8.85 4.22
N GLY A 266 -24.23 8.17 5.32
CA GLY A 266 -25.26 7.57 6.15
C GLY A 266 -26.16 6.50 5.51
N LEU A 267 -25.60 5.65 4.62
CA LEU A 267 -26.34 4.50 4.06
C LEU A 267 -25.89 3.16 4.60
N ILE A 268 -26.87 2.30 4.88
CA ILE A 268 -26.63 0.97 5.24
C ILE A 268 -27.02 0.10 4.01
N PHE A 269 -26.05 -0.65 3.50
CA PHE A 269 -26.28 -1.63 2.46
C PHE A 269 -26.44 -2.98 3.16
N ARG A 270 -27.55 -3.64 2.91
CA ARG A 270 -27.81 -4.99 3.44
C ARG A 270 -28.73 -5.77 2.53
N ARG A 271 -28.69 -7.08 2.70
CA ARG A 271 -29.62 -8.01 2.02
C ARG A 271 -30.94 -7.82 2.73
N ASP A 272 -32.04 -7.96 2.03
CA ASP A 272 -33.37 -7.84 2.69
C ASP A 272 -34.20 -9.06 2.33
N SER A 273 -34.57 -9.87 3.32
CA SER A 273 -35.24 -11.12 3.07
C SER A 273 -36.65 -10.94 2.53
N VAL A 274 -37.32 -9.88 2.88
CA VAL A 274 -38.73 -9.71 2.40
C VAL A 274 -38.79 -9.28 0.91
N SER A 275 -37.82 -8.51 0.43
CA SER A 275 -37.80 -8.14 -0.97
C SER A 275 -36.93 -9.03 -1.79
N GLY A 276 -36.07 -9.84 -1.19
CA GLY A 276 -35.12 -10.55 -2.02
C GLY A 276 -34.06 -9.62 -2.66
N GLN A 277 -33.89 -8.37 -2.21
CA GLN A 277 -32.91 -7.46 -2.86
C GLN A 277 -31.81 -6.98 -1.88
N VAL A 278 -30.72 -6.49 -2.44
CA VAL A 278 -29.83 -5.60 -1.69
C VAL A 278 -30.55 -4.25 -1.54
N VAL A 279 -30.72 -3.78 -0.31
CA VAL A 279 -31.30 -2.50 -0.05
C VAL A 279 -30.27 -1.51 0.47
N ALA A 280 -30.49 -0.24 0.20
CA ALA A 280 -29.73 0.85 0.80
C ALA A 280 -30.69 1.62 1.66
N VAL A 281 -30.52 1.63 2.96
CA VAL A 281 -31.42 2.30 3.84
C VAL A 281 -30.67 3.32 4.73
N PRO A 282 -31.38 4.35 5.24
CA PRO A 282 -30.68 5.38 6.04
C PRO A 282 -30.15 4.90 7.36
N ASN A 283 -28.93 5.27 7.68
CA ASN A 283 -28.29 4.89 8.93
C ASN A 283 -28.73 5.92 9.99
N THR A 284 -29.23 5.49 11.15
CA THR A 284 -29.53 6.42 12.27
C THR A 284 -29.13 5.87 13.61
#